data_8TJM
#
_entry.id   8TJM
#
_cell.length_a   72.180
_cell.length_b   72.180
_cell.length_c   84.981
_cell.angle_alpha   90.000
_cell.angle_beta   90.000
_cell.angle_gamma   120.000
#
_symmetry.space_group_name_H-M   'P 32 2 1'
#
loop_
_entity.id
_entity.type
_entity.pdbx_description
1 polymer beta-lactamase
2 non-polymer 'SULFATE ION'
3 non-polymer 1,2-ETHANEDIOL
4 water water
#
_entity_poly.entity_id   1
_entity_poly.type   'polypeptide(L)'
_entity_poly.pdbx_seq_one_letter_code
;GHMTNLVAEPFAKLEQDFGGSIGVYAMDTGSGATVSYRAEERFPLCSSFKGFLAAAVLARSQQQAGLLDTPIRYGKNALV
PWSPISEKYLTTGMTVAELSAAAVQYSDNAAANLLLKELGGPAGLTAFMRSIGDTTFRLDRWELELNSAIPGDARDTSSP
RAVTESLQKLTLGSALAAPQRQQFVDWLKGNTTGNHRIRAAVPADWAVGDKTGTCGVYGTANDYAVVWPTGRAPIVLAVY
TRAPNKDDKHSEAVYTRAPNKDDKHSEAVIAAAARLALEGLG
;
_entity_poly.pdbx_strand_id   A
#
loop_
_chem_comp.id
_chem_comp.type
_chem_comp.name
_chem_comp.formula
EDO non-polymer 1,2-ETHANEDIOL 'C2 H6 O2'
SO4 non-polymer 'SULFATE ION' 'O4 S -2'
#
# COMPACT_ATOMS: atom_id res chain seq x y z
N ASN A 5 4.36 -17.73 20.79
CA ASN A 5 5.69 -17.30 21.21
C ASN A 5 6.77 -17.79 20.24
N LEU A 6 6.80 -19.09 19.98
CA LEU A 6 7.79 -19.64 19.06
C LEU A 6 7.58 -19.17 17.64
N VAL A 7 6.33 -19.11 17.19
CA VAL A 7 6.03 -18.63 15.84
C VAL A 7 6.52 -17.20 15.67
N ALA A 8 6.36 -16.38 16.71
CA ALA A 8 6.71 -14.97 16.65
C ALA A 8 8.21 -14.74 16.77
N GLU A 9 8.96 -15.68 17.37
CA GLU A 9 10.38 -15.46 17.60
C GLU A 9 11.15 -15.03 16.36
N PRO A 10 10.99 -15.66 15.19
CA PRO A 10 11.72 -15.17 14.03
C PRO A 10 11.40 -13.73 13.70
N PHE A 11 10.14 -13.30 13.88
CA PHE A 11 9.81 -11.90 13.66
C PHE A 11 10.42 -11.02 14.73
N ALA A 12 10.42 -11.48 15.98
CA ALA A 12 11.04 -10.71 17.06
C ALA A 12 12.53 -10.56 16.81
N LYS A 13 13.20 -11.62 16.35
CA LYS A 13 14.61 -11.54 16.04
C LYS A 13 14.86 -10.59 14.87
N LEU A 14 14.07 -10.73 13.81
CA LEU A 14 14.18 -9.81 12.69
C LEU A 14 13.98 -8.38 13.16
N GLU A 15 12.98 -8.16 14.00
CA GLU A 15 12.71 -6.82 14.51
C GLU A 15 13.87 -6.30 15.36
N GLN A 16 14.47 -7.18 16.17
CA GLN A 16 15.56 -6.74 17.01
C GLN A 16 16.78 -6.37 16.17
N ASP A 17 17.04 -7.13 15.10
CA ASP A 17 18.14 -6.81 14.20
C ASP A 17 17.87 -5.51 13.43
N PHE A 18 16.60 -5.24 13.14
CA PHE A 18 16.22 -4.05 12.38
C PHE A 18 16.34 -2.80 13.24
N GLY A 19 15.93 -2.87 14.50
CA GLY A 19 16.04 -1.76 15.42
C GLY A 19 14.78 -0.93 15.56
N GLY A 20 13.83 -1.08 14.65
CA GLY A 20 12.54 -0.41 14.75
C GLY A 20 11.43 -1.37 15.11
N SER A 21 10.25 -1.10 14.59
CA SER A 21 9.08 -1.95 14.82
C SER A 21 8.62 -2.52 13.49
N ILE A 22 8.19 -3.77 13.49
CA ILE A 22 7.63 -4.38 12.30
CA ILE A 22 7.65 -4.43 12.31
C ILE A 22 6.25 -4.92 12.63
N GLY A 23 5.34 -4.78 11.67
CA GLY A 23 3.99 -5.29 11.81
C GLY A 23 3.64 -6.15 10.61
N VAL A 24 3.08 -7.34 10.84
CA VAL A 24 2.81 -8.30 9.78
C VAL A 24 1.42 -8.87 10.01
N TYR A 25 0.63 -8.94 8.95
CA TYR A 25 -0.56 -9.78 9.00
C TYR A 25 -0.70 -10.46 7.65
N ALA A 26 -0.85 -11.78 7.66
CA ALA A 26 -1.03 -12.55 6.45
C ALA A 26 -2.18 -13.52 6.66
N MET A 27 -3.01 -13.67 5.63
N MET A 27 -2.98 -13.71 5.60
CA MET A 27 -4.11 -14.62 5.67
CA MET A 27 -4.15 -14.58 5.65
C MET A 27 -4.07 -15.47 4.42
C MET A 27 -4.17 -15.46 4.41
N ASP A 28 -4.29 -16.76 4.60
CA ASP A 28 -4.45 -17.66 3.47
C ASP A 28 -5.95 -17.80 3.25
N THR A 29 -6.44 -17.36 2.09
CA THR A 29 -7.87 -17.30 1.86
C THR A 29 -8.50 -18.66 1.64
N GLY A 30 -7.70 -19.70 1.46
CA GLY A 30 -8.23 -21.03 1.27
C GLY A 30 -8.39 -21.81 2.55
N SER A 31 -7.43 -21.69 3.46
CA SER A 31 -7.44 -22.42 4.72
C SER A 31 -7.89 -21.57 5.90
N GLY A 32 -7.83 -20.25 5.75
CA GLY A 32 -8.03 -19.33 6.85
C GLY A 32 -6.85 -19.21 7.79
N ALA A 33 -5.75 -19.90 7.53
CA ALA A 33 -4.58 -19.76 8.38
C ALA A 33 -4.09 -18.32 8.33
N THR A 34 -3.53 -17.85 9.45
CA THR A 34 -3.01 -16.50 9.52
C THR A 34 -1.64 -16.50 10.20
N VAL A 35 -0.90 -15.44 9.92
CA VAL A 35 0.35 -15.10 10.61
C VAL A 35 0.21 -13.65 11.07
N SER A 36 0.52 -13.38 12.34
CA SER A 36 0.27 -12.08 12.92
CA SER A 36 0.25 -12.09 12.96
C SER A 36 1.42 -11.68 13.83
N TYR A 37 1.93 -10.47 13.63
CA TYR A 37 2.95 -9.90 14.51
C TYR A 37 2.73 -8.39 14.59
N ARG A 38 2.40 -7.90 15.79
CA ARG A 38 2.02 -6.49 15.99
C ARG A 38 0.94 -6.06 15.00
N ALA A 39 0.03 -6.98 14.66
CA ALA A 39 -0.88 -6.76 13.55
C ALA A 39 -1.95 -5.72 13.86
N GLU A 40 -2.17 -5.39 15.13
CA GLU A 40 -3.16 -4.40 15.53
C GLU A 40 -2.55 -3.04 15.83
N GLU A 41 -1.23 -2.91 15.77
CA GLU A 41 -0.61 -1.63 16.04
C GLU A 41 -0.73 -0.71 14.83
N ARG A 42 -0.66 0.58 15.08
CA ARG A 42 -0.73 1.57 14.00
C ARG A 42 0.66 1.83 13.42
N PHE A 43 0.69 1.94 12.10
CA PHE A 43 1.88 2.27 11.32
C PHE A 43 1.50 3.30 10.28
N PRO A 44 2.41 4.20 9.93
CA PRO A 44 2.13 5.16 8.86
C PRO A 44 1.82 4.46 7.55
N LEU A 45 0.78 4.95 6.87
CA LEU A 45 0.40 4.41 5.57
C LEU A 45 1.41 4.81 4.51
N CYS A 46 1.88 6.06 4.55
CA CYS A 46 2.76 6.53 3.48
C CYS A 46 2.01 6.38 2.16
N SER A 47 2.74 6.08 1.09
CA SER A 47 2.12 5.99 -0.22
CA SER A 47 2.16 5.97 -0.24
CA SER A 47 2.12 5.99 -0.22
C SER A 47 1.22 4.78 -0.38
N SER A 48 1.17 3.89 0.60
CA SER A 48 0.31 2.72 0.45
C SER A 48 -1.17 3.11 0.43
N PHE A 49 -1.53 4.31 0.87
CA PHE A 49 -2.93 4.72 0.76
C PHE A 49 -3.39 4.77 -0.69
N LYS A 50 -2.47 4.91 -1.64
CA LYS A 50 -2.85 5.12 -3.04
C LYS A 50 -3.57 3.92 -3.62
N GLY A 51 -3.29 2.71 -3.12
CA GLY A 51 -4.06 1.56 -3.57
C GLY A 51 -5.51 1.66 -3.17
N PHE A 52 -5.76 2.02 -1.90
CA PHE A 52 -7.14 2.18 -1.43
C PHE A 52 -7.82 3.35 -2.12
N LEU A 53 -7.06 4.38 -2.47
CA LEU A 53 -7.59 5.49 -3.26
C LEU A 53 -8.12 5.00 -4.60
N ALA A 54 -7.35 4.14 -5.29
CA ALA A 54 -7.82 3.59 -6.55
C ALA A 54 -9.06 2.71 -6.35
N ALA A 55 -9.10 1.95 -5.26
CA ALA A 55 -10.29 1.16 -4.97
C ALA A 55 -11.50 2.05 -4.74
N ALA A 56 -11.32 3.21 -4.08
CA ALA A 56 -12.43 4.14 -3.88
C ALA A 56 -12.93 4.68 -5.22
N VAL A 57 -12.02 5.00 -6.14
CA VAL A 57 -12.41 5.37 -7.50
C VAL A 57 -13.26 4.27 -8.12
N LEU A 58 -12.82 3.03 -7.99
CA LEU A 58 -13.56 1.92 -8.57
C LEU A 58 -14.93 1.74 -7.90
N ALA A 59 -15.02 1.99 -6.60
CA ALA A 59 -16.33 1.96 -5.97
C ALA A 59 -17.26 2.99 -6.60
N ARG A 60 -16.75 4.21 -6.85
CA ARG A 60 -17.58 5.21 -7.49
C ARG A 60 -17.95 4.79 -8.91
N SER A 61 -17.07 4.03 -9.57
CA SER A 61 -17.37 3.53 -10.91
C SER A 61 -18.54 2.56 -10.94
N GLN A 62 -19.00 2.06 -9.79
CA GLN A 62 -20.19 1.22 -9.81
C GLN A 62 -21.45 2.07 -9.99
N GLN A 63 -21.36 3.38 -9.76
CA GLN A 63 -22.51 4.26 -9.70
C GLN A 63 -22.48 5.39 -10.72
N GLN A 64 -21.31 5.79 -11.21
CA GLN A 64 -21.15 6.94 -12.11
C GLN A 64 -20.59 6.43 -13.43
N ALA A 65 -21.44 6.35 -14.46
CA ALA A 65 -20.97 5.88 -15.74
C ALA A 65 -19.98 6.87 -16.34
N GLY A 66 -18.93 6.34 -16.94
CA GLY A 66 -17.94 7.16 -17.61
C GLY A 66 -16.91 7.81 -16.72
N LEU A 67 -16.97 7.59 -15.41
CA LEU A 67 -15.99 8.18 -14.50
C LEU A 67 -14.56 7.84 -14.92
N LEU A 68 -14.31 6.57 -15.25
CA LEU A 68 -12.94 6.12 -15.47
C LEU A 68 -12.31 6.80 -16.69
N ASP A 69 -13.10 7.07 -17.72
CA ASP A 69 -12.58 7.69 -18.92
C ASP A 69 -12.79 9.20 -18.92
N THR A 70 -13.14 9.79 -17.78
CA THR A 70 -13.32 11.24 -17.69
C THR A 70 -11.96 11.93 -17.62
N PRO A 71 -11.67 12.86 -18.52
CA PRO A 71 -10.37 13.55 -18.47
C PRO A 71 -10.31 14.55 -17.34
N ILE A 72 -9.15 14.64 -16.71
CA ILE A 72 -8.83 15.66 -15.73
C ILE A 72 -7.74 16.53 -16.35
N ARG A 73 -8.05 17.80 -16.61
CA ARG A 73 -7.10 18.69 -17.30
C ARG A 73 -6.42 19.58 -16.26
N TYR A 74 -5.41 19.02 -15.61
CA TYR A 74 -4.70 19.71 -14.54
C TYR A 74 -3.60 20.59 -15.11
N GLY A 75 -3.13 21.52 -14.28
CA GLY A 75 -2.03 22.39 -14.64
C GLY A 75 -0.78 22.08 -13.83
N LYS A 76 0.24 22.91 -14.07
CA LYS A 76 1.50 22.75 -13.36
C LYS A 76 1.33 22.87 -11.85
N ASN A 77 0.33 23.64 -11.39
CA ASN A 77 0.14 23.82 -9.96
C ASN A 77 -0.27 22.53 -9.26
N ALA A 78 -0.73 21.53 -10.00
CA ALA A 78 -1.08 20.24 -9.43
C ALA A 78 0.13 19.33 -9.25
N LEU A 79 1.26 19.66 -9.87
CA LEU A 79 2.41 18.77 -9.83
C LEU A 79 3.16 18.86 -8.51
N VAL A 80 3.74 17.72 -8.14
CA VAL A 80 4.45 17.48 -6.88
C VAL A 80 5.69 16.68 -7.21
N PRO A 81 6.74 16.78 -6.40
CA PRO A 81 7.91 15.90 -6.63
C PRO A 81 7.49 14.45 -6.81
N TRP A 82 8.20 13.74 -7.69
CA TRP A 82 7.93 12.34 -8.00
C TRP A 82 6.51 12.14 -8.53
N SER A 83 6.22 12.86 -9.61
CA SER A 83 4.98 12.71 -10.37
C SER A 83 5.35 12.45 -11.81
N PRO A 84 6.08 11.36 -12.08
CA PRO A 84 6.66 11.18 -13.43
C PRO A 84 5.61 11.02 -14.51
N ILE A 85 4.49 10.38 -14.21
CA ILE A 85 3.46 10.20 -15.23
C ILE A 85 2.70 11.50 -15.46
N SER A 86 2.29 12.16 -14.37
N SER A 86 2.31 12.17 -14.38
CA SER A 86 1.55 13.42 -14.50
CA SER A 86 1.52 13.39 -14.55
C SER A 86 2.37 14.47 -15.24
C SER A 86 2.34 14.55 -15.10
N GLU A 87 3.68 14.50 -14.97
CA GLU A 87 4.52 15.46 -15.68
C GLU A 87 4.58 15.11 -17.16
N LYS A 88 4.69 13.81 -17.48
CA LYS A 88 4.79 13.38 -18.87
C LYS A 88 3.55 13.73 -19.67
N TYR A 89 2.38 13.73 -19.02
CA TYR A 89 1.11 13.97 -19.70
C TYR A 89 0.54 15.34 -19.37
N LEU A 90 1.36 16.23 -18.79
CA LEU A 90 0.89 17.55 -18.42
C LEU A 90 0.24 18.26 -19.61
N THR A 91 0.80 18.12 -20.80
CA THR A 91 0.31 18.86 -21.96
C THR A 91 -0.88 18.20 -22.66
N THR A 92 -1.42 17.10 -22.11
CA THR A 92 -2.62 16.50 -22.69
C THR A 92 -3.68 16.14 -21.66
N GLY A 93 -3.36 16.14 -20.38
CA GLY A 93 -4.29 15.70 -19.36
C GLY A 93 -4.30 14.18 -19.26
N MET A 94 -5.05 13.71 -18.27
CA MET A 94 -5.11 12.28 -18.02
C MET A 94 -6.52 11.96 -17.54
N THR A 95 -6.99 10.77 -17.87
CA THR A 95 -8.30 10.38 -17.36
C THR A 95 -8.18 9.88 -15.92
N VAL A 96 -9.33 9.74 -15.27
CA VAL A 96 -9.38 9.20 -13.92
C VAL A 96 -8.71 7.84 -13.85
N ALA A 97 -8.97 6.95 -14.83
CA ALA A 97 -8.33 5.65 -14.81
C ALA A 97 -6.83 5.76 -14.99
N GLU A 98 -6.38 6.63 -15.90
CA GLU A 98 -4.94 6.81 -16.08
C GLU A 98 -4.28 7.35 -14.83
N LEU A 99 -4.93 8.29 -14.13
CA LEU A 99 -4.39 8.79 -12.88
C LEU A 99 -4.34 7.69 -11.84
N SER A 100 -5.36 6.83 -11.80
CA SER A 100 -5.37 5.74 -10.83
C SER A 100 -4.24 4.77 -11.11
N ALA A 101 -4.05 4.39 -12.38
CA ALA A 101 -2.93 3.53 -12.72
C ALA A 101 -1.60 4.17 -12.35
N ALA A 102 -1.47 5.48 -12.57
CA ALA A 102 -0.23 6.16 -12.25
C ALA A 102 0.02 6.16 -10.74
N ALA A 103 -1.04 6.42 -9.96
CA ALA A 103 -0.90 6.43 -8.51
C ALA A 103 -0.53 5.05 -7.98
N VAL A 104 -1.13 4.00 -8.55
CA VAL A 104 -0.87 2.66 -8.02
C VAL A 104 0.47 2.13 -8.51
N GLN A 105 0.78 2.30 -9.80
CA GLN A 105 1.87 1.57 -10.40
C GLN A 105 3.19 2.33 -10.40
N TYR A 106 3.13 3.66 -10.26
CA TYR A 106 4.32 4.48 -10.23
C TYR A 106 4.33 5.36 -8.99
N SER A 107 3.32 5.23 -8.13
CA SER A 107 3.20 6.01 -6.91
C SER A 107 3.20 7.51 -7.20
N ASP A 108 2.64 7.89 -8.34
CA ASP A 108 2.67 9.27 -8.79
C ASP A 108 1.94 10.18 -7.79
N ASN A 109 2.65 11.18 -7.28
CA ASN A 109 2.10 11.97 -6.17
C ASN A 109 1.02 12.95 -6.64
N ALA A 110 1.25 13.64 -7.76
CA ALA A 110 0.24 14.54 -8.28
C ALA A 110 -1.04 13.79 -8.60
N ALA A 111 -0.91 12.59 -9.21
CA ALA A 111 -2.10 11.82 -9.54
C ALA A 111 -2.89 11.48 -8.29
N ALA A 112 -2.19 11.12 -7.21
CA ALA A 112 -2.86 10.81 -5.96
C ALA A 112 -3.61 12.01 -5.41
N ASN A 113 -2.98 13.19 -5.44
CA ASN A 113 -3.68 14.38 -4.93
C ASN A 113 -4.88 14.72 -5.80
N LEU A 114 -4.75 14.57 -7.12
CA LEU A 114 -5.87 14.88 -8.00
C LEU A 114 -7.05 13.95 -7.73
N LEU A 115 -6.77 12.67 -7.53
CA LEU A 115 -7.85 11.72 -7.21
C LEU A 115 -8.42 11.98 -5.82
N LEU A 116 -7.57 12.31 -4.85
CA LEU A 116 -8.08 12.65 -3.53
C LEU A 116 -9.07 13.79 -3.63
N LYS A 117 -8.73 14.83 -4.41
CA LYS A 117 -9.64 15.95 -4.56
C LYS A 117 -10.97 15.51 -5.14
N GLU A 118 -10.93 14.63 -6.14
CA GLU A 118 -12.16 14.16 -6.78
C GLU A 118 -13.05 13.39 -5.80
N LEU A 119 -12.45 12.76 -4.79
CA LEU A 119 -13.18 11.91 -3.86
C LEU A 119 -13.47 12.58 -2.52
N GLY A 120 -13.34 13.89 -2.42
CA GLY A 120 -13.66 14.56 -1.17
C GLY A 120 -12.52 14.64 -0.19
N GLY A 121 -11.28 14.53 -0.66
CA GLY A 121 -10.13 14.72 0.19
C GLY A 121 -9.84 13.53 1.07
N PRO A 122 -8.86 13.69 1.96
CA PRO A 122 -8.56 12.63 2.95
C PRO A 122 -9.78 12.17 3.72
N ALA A 123 -10.67 13.08 4.12
CA ALA A 123 -11.89 12.68 4.81
C ALA A 123 -12.78 11.80 3.92
N GLY A 124 -12.83 12.12 2.63
CA GLY A 124 -13.62 11.30 1.71
C GLY A 124 -13.08 9.89 1.58
N LEU A 125 -11.75 9.75 1.44
CA LEU A 125 -11.19 8.41 1.37
C LEU A 125 -11.41 7.65 2.67
N THR A 126 -11.27 8.32 3.81
CA THR A 126 -11.52 7.66 5.08
C THR A 126 -12.96 7.19 5.18
N ALA A 127 -13.91 8.02 4.72
CA ALA A 127 -15.31 7.61 4.73
C ALA A 127 -15.54 6.39 3.85
N PHE A 128 -14.86 6.32 2.71
CA PHE A 128 -14.97 5.11 1.89
C PHE A 128 -14.49 3.89 2.65
N MET A 129 -13.33 4.00 3.31
CA MET A 129 -12.84 2.86 4.09
C MET A 129 -13.80 2.47 5.20
N ARG A 130 -14.42 3.45 5.86
CA ARG A 130 -15.44 3.10 6.86
C ARG A 130 -16.58 2.33 6.20
N SER A 131 -16.95 2.71 4.98
CA SER A 131 -18.10 2.10 4.33
C SER A 131 -17.89 0.63 4.01
N ILE A 132 -16.63 0.17 3.91
CA ILE A 132 -16.35 -1.24 3.69
C ILE A 132 -16.07 -1.97 4.98
N GLY A 133 -16.22 -1.31 6.12
CA GLY A 133 -16.05 -1.95 7.40
C GLY A 133 -14.68 -1.76 8.03
N ASP A 134 -13.85 -0.87 7.49
CA ASP A 134 -12.52 -0.65 8.05
C ASP A 134 -12.63 0.54 9.01
N THR A 135 -12.52 0.26 10.31
CA THR A 135 -12.62 1.28 11.34
C THR A 135 -11.27 1.77 11.82
N THR A 136 -10.18 1.26 11.25
CA THR A 136 -8.84 1.62 11.68
C THR A 136 -8.20 2.67 10.78
N PHE A 137 -8.35 2.51 9.46
CA PHE A 137 -7.72 3.39 8.49
C PHE A 137 -8.08 4.85 8.77
N ARG A 138 -7.09 5.73 8.70
CA ARG A 138 -7.41 7.15 8.66
C ARG A 138 -6.40 7.84 7.75
N LEU A 139 -6.91 8.63 6.81
CA LEU A 139 -6.09 9.55 6.05
C LEU A 139 -6.51 10.96 6.43
N ASP A 140 -5.53 11.81 6.71
CA ASP A 140 -5.75 13.13 7.25
C ASP A 140 -5.15 14.23 6.40
N ARG A 141 -4.12 13.94 5.63
CA ARG A 141 -3.38 14.96 4.91
C ARG A 141 -3.18 14.53 3.47
N TRP A 142 -2.56 15.41 2.70
CA TRP A 142 -2.32 15.21 1.28
C TRP A 142 -0.83 14.93 1.04
N GLU A 143 -0.49 14.58 -0.20
CA GLU A 143 0.93 14.53 -0.54
C GLU A 143 1.48 15.95 -0.55
N LEU A 144 2.68 16.15 -0.02
CA LEU A 144 3.60 15.15 0.52
C LEU A 144 3.55 15.04 2.04
N GLU A 145 2.74 15.91 2.67
CA GLU A 145 2.76 16.02 4.12
C GLU A 145 2.35 14.73 4.82
N LEU A 146 1.48 13.92 4.19
CA LEU A 146 1.04 12.69 4.84
C LEU A 146 2.19 11.71 5.09
N ASN A 147 3.37 11.97 4.54
CA ASN A 147 4.51 11.07 4.70
C ASN A 147 5.37 11.40 5.91
N SER A 148 4.94 12.33 6.76
CA SER A 148 5.84 12.84 7.79
C SER A 148 6.29 11.76 8.76
N ALA A 149 5.42 10.80 9.07
CA ALA A 149 5.77 9.66 9.92
C ALA A 149 6.36 10.10 11.26
N ILE A 150 5.74 11.10 11.87
CA ILE A 150 6.14 11.59 13.18
C ILE A 150 5.80 10.52 14.23
N PRO A 151 6.75 10.10 15.07
CA PRO A 151 6.43 9.03 16.03
C PRO A 151 5.30 9.44 16.97
N GLY A 152 4.40 8.49 17.22
CA GLY A 152 3.23 8.70 18.05
C GLY A 152 2.07 9.37 17.36
N ASP A 153 2.27 9.88 16.14
CA ASP A 153 1.23 10.59 15.42
C ASP A 153 0.31 9.59 14.73
N ALA A 154 -0.97 9.59 15.11
CA ALA A 154 -1.92 8.67 14.51
C ALA A 154 -2.44 9.13 13.16
N ARG A 155 -2.13 10.36 12.74
CA ARG A 155 -2.56 10.80 11.43
C ARG A 155 -2.01 9.87 10.35
N ASP A 156 -2.82 9.59 9.35
CA ASP A 156 -2.36 8.88 8.15
C ASP A 156 -1.77 7.51 8.50
N THR A 157 -2.50 6.75 9.31
CA THR A 157 -2.07 5.43 9.75
C THR A 157 -3.16 4.40 9.56
N SER A 158 -2.75 3.14 9.59
CA SER A 158 -3.65 2.02 9.76
C SER A 158 -2.88 0.90 10.45
N SER A 159 -3.47 -0.28 10.51
CA SER A 159 -2.79 -1.43 11.08
C SER A 159 -2.60 -2.50 10.02
N PRO A 160 -1.60 -3.37 10.17
CA PRO A 160 -1.42 -4.44 9.17
C PRO A 160 -2.67 -5.29 9.01
N ARG A 161 -3.36 -5.61 10.11
CA ARG A 161 -4.55 -6.45 9.98
C ARG A 161 -5.65 -5.73 9.21
N ALA A 162 -5.89 -4.45 9.53
CA ALA A 162 -6.94 -3.73 8.82
C ALA A 162 -6.59 -3.57 7.34
N VAL A 163 -5.33 -3.30 7.03
CA VAL A 163 -4.92 -3.20 5.63
C VAL A 163 -5.18 -4.51 4.90
N THR A 164 -4.78 -5.63 5.50
CA THR A 164 -4.98 -6.92 4.84
C THR A 164 -6.46 -7.24 4.67
N GLU A 165 -7.26 -6.98 5.70
CA GLU A 165 -8.68 -7.29 5.61
C GLU A 165 -9.35 -6.43 4.56
N SER A 166 -9.00 -5.15 4.49
CA SER A 166 -9.59 -4.29 3.47
C SER A 166 -9.13 -4.69 2.09
N LEU A 167 -7.84 -5.02 1.95
CA LEU A 167 -7.34 -5.44 0.64
C LEU A 167 -8.07 -6.69 0.17
N GLN A 168 -8.29 -7.65 1.07
CA GLN A 168 -9.00 -8.87 0.69
C GLN A 168 -10.42 -8.54 0.23
N LYS A 169 -11.11 -7.65 0.96
CA LYS A 169 -12.48 -7.30 0.59
C LYS A 169 -12.56 -6.71 -0.80
N LEU A 170 -11.56 -5.93 -1.19
CA LEU A 170 -11.56 -5.15 -2.42
C LEU A 170 -11.00 -5.90 -3.61
N THR A 171 -10.28 -7.01 -3.40
CA THR A 171 -9.71 -7.76 -4.49
C THR A 171 -10.37 -9.11 -4.69
N LEU A 172 -10.75 -9.76 -3.59
CA LEU A 172 -11.24 -11.13 -3.61
C LEU A 172 -12.63 -11.26 -3.03
N GLY A 173 -13.13 -10.23 -2.33
CA GLY A 173 -14.34 -10.33 -1.55
C GLY A 173 -15.50 -9.59 -2.14
N SER A 174 -16.29 -8.94 -1.30
CA SER A 174 -17.59 -8.42 -1.70
C SER A 174 -17.66 -6.90 -1.67
N ALA A 175 -16.56 -6.21 -1.43
CA ALA A 175 -16.64 -4.76 -1.34
C ALA A 175 -16.74 -4.08 -2.70
N LEU A 176 -16.39 -4.80 -3.77
CA LEU A 176 -16.53 -4.33 -5.14
C LEU A 176 -17.03 -5.50 -5.97
N ALA A 177 -17.73 -5.20 -7.06
CA ALA A 177 -18.11 -6.21 -8.04
C ALA A 177 -16.90 -6.64 -8.85
N ALA A 178 -17.01 -7.79 -9.52
CA ALA A 178 -15.85 -8.40 -10.16
C ALA A 178 -15.18 -7.52 -11.20
N PRO A 179 -15.87 -6.80 -12.07
CA PRO A 179 -15.14 -5.96 -13.04
C PRO A 179 -14.26 -4.94 -12.36
N GLN A 180 -14.77 -4.34 -11.28
CA GLN A 180 -14.00 -3.40 -10.49
C GLN A 180 -12.86 -4.10 -9.76
N ARG A 181 -13.13 -5.24 -9.12
CA ARG A 181 -12.05 -5.98 -8.46
C ARG A 181 -10.97 -6.36 -9.45
N GLN A 182 -11.37 -6.78 -10.66
CA GLN A 182 -10.39 -7.16 -11.68
C GLN A 182 -9.51 -5.99 -12.05
N GLN A 183 -10.10 -4.80 -12.21
CA GLN A 183 -9.29 -3.63 -12.53
C GLN A 183 -8.32 -3.31 -11.40
N PHE A 184 -8.77 -3.41 -10.15
CA PHE A 184 -7.88 -3.16 -9.02
C PHE A 184 -6.75 -4.16 -9.03
N VAL A 185 -7.08 -5.45 -9.19
CA VAL A 185 -6.07 -6.49 -9.27
C VAL A 185 -5.07 -6.19 -10.38
N ASP A 186 -5.55 -5.81 -11.57
CA ASP A 186 -4.64 -5.58 -12.68
C ASP A 186 -3.73 -4.39 -12.42
N TRP A 187 -4.25 -3.34 -11.78
CA TRP A 187 -3.38 -2.24 -11.41
C TRP A 187 -2.31 -2.70 -10.43
N LEU A 188 -2.71 -3.43 -9.39
CA LEU A 188 -1.74 -3.92 -8.41
C LEU A 188 -0.71 -4.85 -9.05
N LYS A 189 -1.16 -5.73 -9.96
CA LYS A 189 -0.24 -6.68 -10.57
C LYS A 189 0.83 -5.97 -11.37
N GLY A 190 0.49 -4.86 -12.00
CA GLY A 190 1.42 -4.11 -12.81
C GLY A 190 2.25 -3.09 -12.05
N ASN A 191 2.20 -3.10 -10.72
CA ASN A 191 3.01 -2.15 -9.96
C ASN A 191 4.48 -2.31 -10.33
N THR A 192 5.17 -1.17 -10.48
CA THR A 192 6.60 -1.16 -10.80
C THR A 192 7.50 -0.84 -9.61
N THR A 193 6.93 -0.49 -8.45
CA THR A 193 7.73 0.02 -7.35
C THR A 193 8.02 -1.01 -6.27
N GLY A 194 7.54 -2.24 -6.42
CA GLY A 194 7.61 -3.21 -5.34
C GLY A 194 8.57 -4.36 -5.58
N ASN A 195 9.54 -4.19 -6.47
CA ASN A 195 10.37 -5.32 -6.86
C ASN A 195 11.42 -5.70 -5.82
N HIS A 196 11.53 -4.94 -4.73
CA HIS A 196 12.45 -5.23 -3.65
C HIS A 196 11.75 -5.54 -2.32
N ARG A 197 10.43 -5.75 -2.33
CA ARG A 197 9.69 -5.89 -1.08
C ARG A 197 9.00 -7.25 -1.05
N ILE A 198 7.66 -7.30 -0.93
CA ILE A 198 7.01 -8.60 -0.82
C ILE A 198 7.36 -9.51 -1.99
N ARG A 199 7.43 -8.95 -3.22
CA ARG A 199 7.75 -9.76 -4.39
C ARG A 199 9.07 -10.50 -4.26
N ALA A 200 9.99 -10.01 -3.44
CA ALA A 200 11.27 -10.69 -3.27
C ALA A 200 11.11 -12.04 -2.59
N ALA A 201 9.99 -12.26 -1.90
CA ALA A 201 9.74 -13.47 -1.13
C ALA A 201 8.96 -14.53 -1.89
N VAL A 202 8.49 -14.24 -3.09
CA VAL A 202 7.43 -15.02 -3.73
C VAL A 202 8.03 -15.87 -4.84
N PRO A 203 7.79 -17.20 -4.86
CA PRO A 203 8.25 -18.03 -5.98
C PRO A 203 7.89 -17.42 -7.33
N ALA A 204 8.81 -17.57 -8.30
CA ALA A 204 8.66 -16.88 -9.59
C ALA A 204 7.38 -17.26 -10.30
N ASP A 205 6.95 -18.52 -10.22
CA ASP A 205 5.78 -18.93 -11.01
C ASP A 205 4.45 -18.62 -10.33
N TRP A 206 4.47 -17.88 -9.23
CA TRP A 206 3.25 -17.33 -8.68
C TRP A 206 2.98 -15.96 -9.31
N ALA A 207 1.94 -15.29 -8.87
CA ALA A 207 1.64 -13.93 -9.30
C ALA A 207 1.48 -13.05 -8.08
N VAL A 208 1.78 -11.76 -8.22
CA VAL A 208 1.66 -10.81 -7.12
C VAL A 208 1.08 -9.50 -7.62
N GLY A 209 0.19 -8.91 -6.84
CA GLY A 209 -0.15 -7.51 -6.97
C GLY A 209 0.13 -6.81 -5.65
N ASP A 210 0.77 -5.65 -5.71
CA ASP A 210 1.16 -5.00 -4.47
C ASP A 210 1.10 -3.49 -4.61
N LYS A 211 1.11 -2.81 -3.45
CA LYS A 211 1.33 -1.38 -3.40
C LYS A 211 2.29 -1.09 -2.26
N THR A 212 3.37 -0.38 -2.56
CA THR A 212 4.38 -0.01 -1.59
C THR A 212 4.01 1.31 -0.91
N GLY A 213 4.65 1.53 0.24
CA GLY A 213 4.65 2.84 0.85
C GLY A 213 6.02 3.18 1.39
N THR A 214 6.44 4.43 1.20
CA THR A 214 7.72 4.88 1.72
C THR A 214 7.51 6.26 2.32
N CYS A 215 7.87 6.41 3.59
CA CYS A 215 7.61 7.65 4.31
C CYS A 215 8.83 8.57 4.29
N GLY A 216 8.68 9.73 4.91
CA GLY A 216 9.73 10.73 4.97
C GLY A 216 10.75 10.48 6.07
N VAL A 217 10.78 9.27 6.61
CA VAL A 217 11.76 8.86 7.63
C VAL A 217 12.34 7.54 7.17
N TYR A 218 13.68 7.48 7.10
CA TYR A 218 14.33 6.23 6.73
C TYR A 218 13.94 5.13 7.72
N GLY A 219 13.59 3.96 7.18
CA GLY A 219 13.18 2.84 8.02
C GLY A 219 11.70 2.76 8.32
N THR A 220 10.90 3.71 7.86
CA THR A 220 9.45 3.64 7.95
C THR A 220 8.93 3.41 6.54
N ALA A 221 8.47 2.20 6.27
CA ALA A 221 8.08 1.81 4.92
C ALA A 221 7.22 0.56 5.03
N ASN A 222 6.60 0.21 3.91
CA ASN A 222 5.62 -0.87 3.96
C ASN A 222 5.33 -1.41 2.56
N ASP A 223 4.56 -2.48 2.53
CA ASP A 223 4.06 -3.06 1.30
C ASP A 223 2.87 -3.92 1.67
N TYR A 224 1.87 -3.98 0.81
CA TYR A 224 0.81 -4.96 0.96
C TYR A 224 0.56 -5.62 -0.38
N ALA A 225 0.04 -6.84 -0.35
CA ALA A 225 -0.02 -7.61 -1.60
C ALA A 225 -1.08 -8.69 -1.53
N VAL A 226 -1.59 -9.02 -2.71
CA VAL A 226 -2.25 -10.30 -2.93
C VAL A 226 -1.27 -11.17 -3.69
N VAL A 227 -1.10 -12.40 -3.22
CA VAL A 227 -0.18 -13.36 -3.78
C VAL A 227 -1.00 -14.55 -4.25
N TRP A 228 -0.85 -14.90 -5.52
CA TRP A 228 -1.59 -16.02 -6.12
C TRP A 228 -0.63 -17.17 -6.36
N PRO A 229 -0.61 -18.21 -5.51
CA PRO A 229 0.15 -19.41 -5.82
C PRO A 229 -0.53 -20.15 -6.95
N THR A 230 0.22 -21.03 -7.60
CA THR A 230 -0.37 -21.90 -8.61
C THR A 230 -1.15 -23.01 -7.91
N GLY A 231 -2.42 -23.18 -8.26
CA GLY A 231 -3.20 -24.27 -7.73
C GLY A 231 -3.58 -24.17 -6.26
N ARG A 232 -3.45 -23.00 -5.66
CA ARG A 232 -3.80 -22.80 -4.26
C ARG A 232 -4.46 -21.44 -4.12
N ALA A 233 -5.32 -21.31 -3.11
CA ALA A 233 -6.05 -20.07 -2.91
C ALA A 233 -5.07 -18.92 -2.67
N PRO A 234 -5.47 -17.69 -3.00
CA PRO A 234 -4.56 -16.56 -2.78
C PRO A 234 -4.29 -16.29 -1.31
N ILE A 235 -3.16 -15.62 -1.10
CA ILE A 235 -2.74 -15.14 0.21
C ILE A 235 -2.78 -13.63 0.15
N VAL A 236 -3.26 -13.00 1.22
CA VAL A 236 -3.25 -11.54 1.33
C VAL A 236 -2.37 -11.18 2.51
N LEU A 237 -1.47 -10.21 2.34
CA LEU A 237 -0.61 -9.88 3.46
C LEU A 237 -0.17 -8.43 3.42
N ALA A 238 0.24 -7.94 4.58
CA ALA A 238 0.69 -6.58 4.77
C ALA A 238 1.89 -6.61 5.68
N VAL A 239 2.92 -5.85 5.33
CA VAL A 239 4.12 -5.71 6.15
C VAL A 239 4.42 -4.23 6.28
N TYR A 240 4.42 -3.72 7.51
CA TYR A 240 4.65 -2.32 7.81
C TYR A 240 5.81 -2.18 8.79
N THR A 241 6.57 -1.09 8.68
CA THR A 241 7.64 -0.82 9.63
C THR A 241 7.56 0.61 10.13
N ARG A 242 8.10 0.83 11.32
CA ARG A 242 8.36 2.14 11.89
C ARG A 242 9.84 2.21 12.22
N ALA A 243 10.50 3.30 11.86
CA ALA A 243 11.94 3.40 12.00
C ALA A 243 12.36 3.30 13.47
N PRO A 244 13.61 2.92 13.73
CA PRO A 244 14.09 2.86 15.12
C PRO A 244 13.96 4.22 15.79
N ASN A 245 13.61 4.19 17.07
CA ASN A 245 13.38 5.41 17.83
C ASN A 245 14.66 5.88 18.52
N GLU A 252 23.01 10.43 13.77
CA GLU A 252 22.50 11.62 13.11
C GLU A 252 22.32 11.39 11.61
N ALA A 253 21.78 12.39 10.92
CA ALA A 253 21.58 12.29 9.48
C ALA A 253 22.88 12.55 8.75
N VAL A 254 23.13 11.77 7.69
CA VAL A 254 24.35 11.86 6.90
C VAL A 254 24.01 12.49 5.56
N TYR A 255 24.63 13.64 5.28
CA TYR A 255 24.36 14.38 4.05
C TYR A 255 25.34 14.07 2.93
N THR A 256 26.43 13.36 3.23
CA THR A 256 27.52 13.17 2.29
C THR A 256 27.50 11.83 1.60
N ARG A 257 26.38 11.11 1.63
CA ARG A 257 26.31 9.84 0.92
C ARG A 257 24.85 9.52 0.63
N ALA A 258 24.64 8.78 -0.45
CA ALA A 258 23.31 8.24 -0.70
C ALA A 258 23.00 7.13 0.30
N PRO A 259 21.73 6.94 0.64
CA PRO A 259 21.37 5.95 1.66
C PRO A 259 21.53 4.52 1.18
N ASN A 260 21.59 3.62 2.16
CA ASN A 260 21.67 2.18 1.89
C ASN A 260 20.41 1.69 1.19
N LYS A 261 20.60 0.93 0.10
CA LYS A 261 19.48 0.45 -0.69
C LYS A 261 18.71 -0.67 -0.01
N ASP A 262 19.33 -1.38 0.94
CA ASP A 262 18.68 -2.51 1.60
C ASP A 262 17.90 -2.10 2.84
N ASP A 263 18.21 -0.96 3.45
CA ASP A 263 17.55 -0.54 4.67
C ASP A 263 16.94 0.85 4.62
N LYS A 264 17.24 1.67 3.60
CA LYS A 264 16.67 3.01 3.53
C LYS A 264 15.15 2.98 3.64
N HIS A 265 14.52 1.98 3.03
CA HIS A 265 13.08 1.79 3.14
C HIS A 265 12.75 0.40 3.67
N SER A 266 13.59 -0.10 4.58
CA SER A 266 13.38 -1.40 5.21
C SER A 266 13.15 -2.50 4.19
N GLU A 267 13.79 -2.42 3.01
CA GLU A 267 13.47 -3.35 1.94
C GLU A 267 13.79 -4.79 2.33
N ALA A 268 15.01 -5.02 2.83
CA ALA A 268 15.41 -6.36 3.22
C ALA A 268 14.54 -6.88 4.35
N VAL A 269 14.18 -6.00 5.29
CA VAL A 269 13.35 -6.40 6.42
C VAL A 269 11.96 -6.78 5.95
N ILE A 270 11.37 -5.98 5.05
CA ILE A 270 10.04 -6.28 4.55
C ILE A 270 10.04 -7.61 3.79
N ALA A 271 11.03 -7.81 2.93
CA ALA A 271 11.13 -9.07 2.21
C ALA A 271 11.29 -10.24 3.18
N ALA A 272 12.15 -10.08 4.19
CA ALA A 272 12.38 -11.17 5.13
C ALA A 272 11.12 -11.50 5.92
N ALA A 273 10.37 -10.46 6.31
CA ALA A 273 9.14 -10.68 7.04
C ALA A 273 8.10 -11.37 6.15
N ALA A 274 8.04 -10.97 4.87
CA ALA A 274 7.13 -11.62 3.94
C ALA A 274 7.48 -13.10 3.77
N ARG A 275 8.77 -13.42 3.70
CA ARG A 275 9.18 -14.82 3.61
C ARG A 275 8.67 -15.60 4.80
N LEU A 276 8.90 -15.08 6.02
CA LEU A 276 8.48 -15.77 7.22
C LEU A 276 6.96 -15.93 7.23
N ALA A 277 6.22 -14.94 6.74
CA ALA A 277 4.77 -15.06 6.68
C ALA A 277 4.34 -16.20 5.76
N LEU A 278 4.91 -16.27 4.55
CA LEU A 278 4.53 -17.34 3.64
C LEU A 278 4.92 -18.71 4.21
N GLU A 279 6.06 -18.77 4.88
CA GLU A 279 6.54 -20.02 5.46
C GLU A 279 5.68 -20.42 6.66
N GLY A 280 5.16 -19.46 7.39
CA GLY A 280 4.40 -19.75 8.59
C GLY A 280 2.96 -20.14 8.36
N LEU A 281 2.45 -19.93 7.15
CA LEU A 281 1.05 -20.26 6.89
C LEU A 281 0.87 -21.76 6.91
N GLY A 282 -0.20 -22.20 7.56
CA GLY A 282 -0.47 -23.61 7.81
C GLY A 282 -1.20 -23.83 9.12
S SO4 B . 14.99 6.61 -2.79
O1 SO4 B . 14.61 7.91 -3.35
O2 SO4 B . 13.81 5.75 -2.66
O3 SO4 B . 15.97 6.00 -3.68
O4 SO4 B . 15.61 6.81 -1.47
C1 EDO C . -0.30 -9.53 17.51
O1 EDO C . -0.46 -9.48 16.10
C2 EDO C . 0.98 -10.28 17.81
O2 EDO C . 2.04 -9.36 18.07
C1 EDO D . -17.01 5.80 -3.32
O1 EDO D . -18.24 6.46 -3.67
C2 EDO D . -15.91 6.84 -3.11
O2 EDO D . -16.26 7.72 -2.03
C1 EDO E . 7.33 -21.69 -8.81
O1 EDO E . 8.40 -20.78 -9.01
C2 EDO E . 7.51 -22.45 -7.50
O2 EDO E . 6.35 -23.25 -7.25
H11 EDO E . 7.29 -22.41 -9.65
H12 EDO E . 6.37 -21.16 -8.79
HO1 EDO E . 8.99 -21.12 -9.70
H21 EDO E . 7.65 -21.75 -6.68
H22 EDO E . 8.39 -23.08 -7.56
HO2 EDO E . 5.55 -22.75 -7.49
S SO4 F . 6.73 4.48 -2.89
O1 SO4 F . 6.22 3.96 -4.15
O2 SO4 F . 5.90 5.54 -2.35
O3 SO4 F . 6.92 3.39 -1.94
O4 SO4 F . 8.02 5.10 -3.16
S SO4 G . 12.73 0.23 -2.91
O1 SO4 G . 11.95 -0.87 -2.30
O2 SO4 G . 12.19 1.49 -2.40
O3 SO4 G . 14.14 0.04 -2.59
O4 SO4 G . 12.55 0.19 -4.37
S SO4 H . 32.35 7.78 3.41
O1 SO4 H . 33.05 8.11 4.65
O2 SO4 H . 30.93 8.10 3.52
O3 SO4 H . 32.49 6.35 3.19
O4 SO4 H . 32.99 8.48 2.28
#